data_5K5V
#
_entry.id   5K5V
#
_cell.length_a   134.120
_cell.length_b   134.120
_cell.length_c   119.498
_cell.angle_alpha   90.00
_cell.angle_beta   90.00
_cell.angle_gamma   90.00
#
_symmetry.space_group_name_H-M   'I 41 2 2'
#
loop_
_entity.id
_entity.type
_entity.pdbx_description
1 polymer Nta1p
2 water water
#
_entity_poly.entity_id   1
_entity_poly.type   'polypeptide(L)'
_entity_poly.pdbx_seq_one_letter_code
;GSMLIDAIHGAKMSTKLLVSLKVLVIQLNPQIGQVDQTIKRTWSILDKVTKSATYVKPDIILFPEFALTGYSFHARKDIL
PYVTKKDEGPSFELAKSISEKFQCYTIIGYPEEDDEQKLYNSALVVNPQGGQIFNYRKTFLYDTEMNWDCEENPEGFQTF
PMDFSKCAKLSNEDSYNRDVTLKASIGISMDLSPYKFMAPFNHFEFSSFCVDNNVELILCPMAWLNSTSITDKQTLHNNS
LLEAAKNKIAFALKEQGLPLAGSQGIYQLKIGDSQRTPRVPSDDSTSEYKDMDEPDMSNVNYWILRFFPFLYFKLRINWF
KNSSLIESILGKTRMPLDHEYYKDGKHKEDTIDLLDSEEVIKDTVLEKTFLGTSLGQPWKFQGKNAILVLANRCGTEDGT
TIFAGSSGIYKFNGKKPKGSQDDDESSLDSLNESVELLGNLGKGLEGAILREVQFEVFR
;
_entity_poly.pdbx_strand_id   A
#
# COMPACT_ATOMS: atom_id res chain seq x y z
N THR A 15 -13.15 -8.45 24.39
CA THR A 15 -14.48 -8.26 23.82
C THR A 15 -14.43 -8.07 22.31
N LYS A 16 -15.18 -8.89 21.59
CA LYS A 16 -15.31 -8.78 20.15
C LYS A 16 -16.12 -7.56 19.74
N LEU A 17 -15.53 -6.70 18.91
CA LEU A 17 -16.22 -5.58 18.30
C LEU A 17 -16.33 -5.80 16.80
N LEU A 18 -17.55 -5.71 16.27
CA LEU A 18 -17.74 -5.77 14.82
C LEU A 18 -17.59 -4.38 14.21
N VAL A 19 -16.92 -4.30 13.07
CA VAL A 19 -16.66 -3.00 12.44
C VAL A 19 -17.14 -3.01 10.98
N SER A 20 -17.61 -1.86 10.52
CA SER A 20 -18.01 -1.69 9.13
C SER A 20 -17.44 -0.38 8.62
N LEU A 21 -16.52 -0.46 7.66
CA LEU A 21 -15.87 0.72 7.09
C LEU A 21 -16.22 0.86 5.63
N LYS A 22 -16.54 2.06 5.21
CA LYS A 22 -16.74 2.32 3.80
C LYS A 22 -15.44 2.88 3.25
N VAL A 23 -14.81 2.11 2.38
CA VAL A 23 -13.45 2.45 1.90
C VAL A 23 -13.48 2.85 0.44
N LEU A 24 -12.98 4.04 0.15
CA LEU A 24 -12.89 4.51 -1.23
C LEU A 24 -11.43 4.67 -1.65
N VAL A 25 -11.07 4.05 -2.77
CA VAL A 25 -9.72 4.15 -3.33
C VAL A 25 -9.76 4.90 -4.65
N ILE A 26 -8.92 5.91 -4.81
CA ILE A 26 -8.82 6.64 -6.08
C ILE A 26 -7.57 6.21 -6.84
N GLN A 27 -7.74 5.87 -8.11
CA GLN A 27 -6.62 5.45 -8.94
C GLN A 27 -6.37 6.49 -10.03
N LEU A 28 -5.18 7.09 -10.01
CA LEU A 28 -4.83 8.18 -10.93
C LEU A 28 -3.61 7.88 -11.81
N ASN A 29 -3.52 8.58 -12.93
CA ASN A 29 -2.35 8.59 -13.80
C ASN A 29 -1.78 10.00 -13.89
N PRO A 30 -1.13 10.44 -12.80
CA PRO A 30 -0.53 11.77 -12.77
C PRO A 30 0.72 11.83 -13.63
N GLN A 31 0.92 12.93 -14.35
CA GLN A 31 2.13 13.12 -15.11
C GLN A 31 2.83 14.39 -14.61
N ILE A 32 4.16 14.38 -14.63
CA ILE A 32 4.95 15.49 -14.09
C ILE A 32 4.59 16.79 -14.81
N GLY A 33 4.32 17.83 -14.02
CA GLY A 33 3.95 19.11 -14.58
C GLY A 33 2.47 19.30 -14.89
N GLN A 34 1.64 18.36 -14.46
CA GLN A 34 0.20 18.44 -14.69
C GLN A 34 -0.62 18.50 -13.39
N VAL A 35 -0.03 19.02 -12.31
CA VAL A 35 -0.68 19.02 -10.98
C VAL A 35 -2.10 19.59 -11.03
N ASP A 36 -2.26 20.76 -11.65
CA ASP A 36 -3.59 21.38 -11.75
C ASP A 36 -4.57 20.52 -12.54
N GLN A 37 -4.12 19.89 -13.60
CA GLN A 37 -5.00 19.03 -14.40
C GLN A 37 -5.42 17.79 -13.60
N THR A 38 -4.48 17.22 -12.86
CA THR A 38 -4.77 16.01 -12.07
C THR A 38 -5.78 16.33 -10.96
N ILE A 39 -5.62 17.48 -10.34
CA ILE A 39 -6.58 17.94 -9.32
C ILE A 39 -7.98 18.05 -9.92
N LYS A 40 -8.10 18.63 -11.10
CA LYS A 40 -9.40 18.75 -11.76
C LYS A 40 -10.00 17.38 -12.08
N ARG A 41 -9.19 16.46 -12.57
CA ARG A 41 -9.70 15.12 -12.83
C ARG A 41 -10.13 14.42 -11.52
N THR A 42 -9.41 14.72 -10.44
CA THR A 42 -9.74 14.15 -9.13
C THR A 42 -11.13 14.60 -8.67
N TRP A 43 -11.42 15.88 -8.84
CA TRP A 43 -12.72 16.42 -8.46
C TRP A 43 -13.81 15.89 -9.38
N SER A 44 -13.47 15.66 -10.65
CA SER A 44 -14.41 15.04 -11.58
C SER A 44 -14.74 13.58 -11.20
N ILE A 45 -13.74 12.84 -10.74
CA ILE A 45 -13.95 11.46 -10.30
C ILE A 45 -14.87 11.42 -9.09
N LEU A 46 -14.56 12.25 -8.10
CA LEU A 46 -15.34 12.33 -6.87
C LEU A 46 -16.79 12.74 -7.12
N ASP A 47 -17.00 13.64 -8.08
CA ASP A 47 -18.36 14.01 -8.46
C ASP A 47 -19.11 12.80 -9.01
N LYS A 48 -18.48 12.07 -9.92
CA LYS A 48 -19.11 10.90 -10.52
C LYS A 48 -19.36 9.81 -9.47
N VAL A 49 -18.47 9.72 -8.48
CA VAL A 49 -18.66 8.76 -7.38
C VAL A 49 -19.97 9.04 -6.62
N THR A 50 -20.20 10.29 -6.24
CA THR A 50 -21.40 10.67 -5.48
C THR A 50 -22.71 10.48 -6.25
N LYS A 51 -22.63 10.48 -7.57
CA LYS A 51 -23.82 10.33 -8.39
C LYS A 51 -24.09 8.87 -8.74
N SER A 52 -23.22 7.99 -8.28
CA SER A 52 -23.38 6.57 -8.55
C SER A 52 -24.61 6.00 -7.83
N ALA A 53 -25.25 5.02 -8.47
CA ALA A 53 -26.48 4.41 -7.95
C ALA A 53 -26.33 3.85 -6.53
N THR A 54 -25.20 3.20 -6.26
CA THR A 54 -25.00 2.60 -4.94
C THR A 54 -23.93 3.34 -4.13
N TYR A 55 -23.80 4.63 -4.37
CA TYR A 55 -22.92 5.44 -3.55
C TYR A 55 -23.35 5.45 -2.08
N VAL A 56 -22.37 5.30 -1.20
CA VAL A 56 -22.52 5.60 0.22
C VAL A 56 -21.30 6.39 0.66
N LYS A 57 -21.43 7.22 1.69
CA LYS A 57 -20.32 8.09 2.09
C LYS A 57 -19.13 7.29 2.62
N PRO A 58 -17.94 7.53 2.08
CA PRO A 58 -16.79 6.76 2.58
C PRO A 58 -16.34 7.23 3.96
N ASP A 59 -15.79 6.31 4.75
CA ASP A 59 -15.13 6.64 6.00
C ASP A 59 -13.66 7.01 5.79
N ILE A 60 -13.10 6.50 4.70
CA ILE A 60 -11.69 6.70 4.42
C ILE A 60 -11.48 6.73 2.92
N ILE A 61 -10.66 7.67 2.46
CA ILE A 61 -10.33 7.78 1.05
C ILE A 61 -8.80 7.72 0.89
N LEU A 62 -8.33 6.82 0.02
CA LEU A 62 -6.90 6.61 -0.16
C LEU A 62 -6.47 6.88 -1.60
N PHE A 63 -5.39 7.65 -1.75
CA PHE A 63 -4.80 8.00 -3.04
C PHE A 63 -3.47 7.25 -3.21
N PRO A 64 -2.93 7.21 -4.43
CA PRO A 64 -1.62 6.57 -4.62
C PRO A 64 -0.42 7.38 -4.13
N GLU A 65 0.74 6.74 -4.23
CA GLU A 65 2.05 7.34 -4.04
C GLU A 65 2.25 8.47 -5.03
N PHE A 66 2.72 9.63 -4.55
CA PHE A 66 2.91 10.84 -5.37
C PHE A 66 1.70 11.10 -6.30
N ALA A 67 0.51 11.12 -5.70
CA ALA A 67 -0.73 11.08 -6.45
C ALA A 67 -0.98 12.25 -7.39
N LEU A 68 -0.50 13.44 -7.06
CA LEU A 68 -0.77 14.60 -7.91
C LEU A 68 0.42 15.04 -8.78
N THR A 69 1.60 14.50 -8.50
CA THR A 69 2.82 15.06 -9.06
C THR A 69 3.49 14.23 -10.17
N GLY A 70 3.15 12.94 -10.29
CA GLY A 70 3.92 12.06 -11.16
C GLY A 70 5.06 11.50 -10.33
N TYR A 71 5.80 10.54 -10.88
CA TYR A 71 6.69 9.75 -10.04
C TYR A 71 8.17 9.81 -10.42
N SER A 72 8.45 9.71 -11.73
CA SER A 72 9.83 9.47 -12.20
C SER A 72 10.68 10.74 -12.30
N PHE A 73 11.00 11.34 -11.16
CA PHE A 73 11.88 12.51 -11.16
C PHE A 73 13.34 12.06 -11.26
N HIS A 74 14.11 12.74 -12.10
CA HIS A 74 15.47 12.29 -12.43
C HIS A 74 16.55 13.09 -11.73
N ALA A 75 16.16 14.17 -11.06
CA ALA A 75 17.12 15.05 -10.41
C ALA A 75 16.44 15.86 -9.33
N ARG A 76 17.17 16.17 -8.26
CA ARG A 76 16.66 17.01 -7.19
C ARG A 76 16.05 18.31 -7.74
N LYS A 77 16.73 18.92 -8.71
CA LYS A 77 16.24 20.15 -9.34
C LYS A 77 14.84 20.00 -9.96
N ASP A 78 14.56 18.83 -10.52
CA ASP A 78 13.28 18.61 -11.21
C ASP A 78 12.10 18.45 -10.24
N ILE A 79 12.36 17.96 -9.04
CA ILE A 79 11.26 17.70 -8.12
C ILE A 79 11.01 18.91 -7.22
N LEU A 80 12.03 19.74 -7.04
CA LEU A 80 11.92 20.90 -6.16
C LEU A 80 10.71 21.81 -6.44
N PRO A 81 10.30 21.99 -7.71
CA PRO A 81 9.09 22.82 -7.86
C PRO A 81 7.78 22.17 -7.38
N TYR A 82 7.82 20.92 -6.92
CA TYR A 82 6.58 20.22 -6.57
C TYR A 82 6.56 19.78 -5.12
N VAL A 83 7.68 19.98 -4.42
CA VAL A 83 7.76 19.56 -3.03
C VAL A 83 6.98 20.55 -2.17
N THR A 84 6.47 20.08 -1.03
CA THR A 84 5.74 20.95 -0.10
C THR A 84 6.02 20.51 1.33
N LYS A 85 5.81 21.41 2.28
CA LYS A 85 5.75 21.01 3.69
C LYS A 85 4.56 20.08 3.88
N LYS A 86 4.57 19.32 4.96
CA LYS A 86 3.51 18.35 5.20
C LYS A 86 2.13 18.98 5.46
N ASP A 87 2.08 20.28 5.77
CA ASP A 87 0.81 20.93 6.07
C ASP A 87 0.55 22.16 5.20
N GLU A 88 1.20 22.20 4.05
CA GLU A 88 0.99 23.28 3.09
C GLU A 88 0.91 22.67 1.70
N GLY A 89 0.37 23.42 0.75
CA GLY A 89 0.48 23.01 -0.65
C GLY A 89 -0.68 22.22 -1.20
N PRO A 90 -0.65 21.96 -2.52
CA PRO A 90 -1.76 21.38 -3.28
C PRO A 90 -2.25 20.03 -2.76
N SER A 91 -1.34 19.12 -2.41
CA SER A 91 -1.74 17.81 -1.92
C SER A 91 -2.43 17.90 -0.56
N PHE A 92 -1.86 18.68 0.35
CA PHE A 92 -2.49 18.86 1.65
C PHE A 92 -3.84 19.57 1.53
N GLU A 93 -3.89 20.64 0.74
CA GLU A 93 -5.12 21.41 0.59
C GLU A 93 -6.21 20.54 -0.03
N LEU A 94 -5.85 19.76 -1.05
CA LEU A 94 -6.79 18.80 -1.63
C LEU A 94 -7.34 17.85 -0.58
N ALA A 95 -6.45 17.25 0.21
CA ALA A 95 -6.85 16.24 1.19
C ALA A 95 -7.73 16.87 2.27
N LYS A 96 -7.42 18.10 2.66
CA LYS A 96 -8.23 18.80 3.64
C LYS A 96 -9.62 19.14 3.08
N SER A 97 -9.69 19.56 1.82
CA SER A 97 -10.99 19.87 1.21
C SER A 97 -11.84 18.63 1.04
N ILE A 98 -11.24 17.54 0.57
CA ILE A 98 -11.93 16.26 0.48
C ILE A 98 -12.45 15.80 1.83
N SER A 99 -11.59 15.86 2.84
CA SER A 99 -11.93 15.39 4.19
C SER A 99 -13.10 16.18 4.79
N GLU A 100 -13.14 17.48 4.52
CA GLU A 100 -14.20 18.34 5.04
C GLU A 100 -15.51 18.11 4.32
N LYS A 101 -15.45 17.91 3.01
CA LYS A 101 -16.66 17.76 2.22
C LYS A 101 -17.27 16.35 2.36
N PHE A 102 -16.44 15.36 2.70
CA PHE A 102 -16.95 13.99 2.87
C PHE A 102 -16.92 13.52 4.33
N GLN A 103 -16.47 14.41 5.23
CA GLN A 103 -16.34 14.07 6.65
C GLN A 103 -15.63 12.74 6.86
N CYS A 104 -14.48 12.57 6.21
CA CYS A 104 -13.74 11.31 6.23
C CYS A 104 -12.26 11.51 6.54
N TYR A 105 -11.55 10.41 6.70
CA TYR A 105 -10.09 10.44 6.67
C TYR A 105 -9.64 10.42 5.20
N THR A 106 -8.61 11.19 4.88
CA THR A 106 -8.08 11.24 3.52
C THR A 106 -6.57 11.04 3.61
N ILE A 107 -6.03 10.13 2.81
CA ILE A 107 -4.59 9.82 2.81
C ILE A 107 -4.03 9.97 1.39
N ILE A 108 -3.00 10.81 1.21
CA ILE A 108 -2.47 11.08 -0.12
C ILE A 108 -0.94 11.12 -0.10
N GLY A 109 -0.34 10.54 -1.15
CA GLY A 109 1.10 10.51 -1.27
C GLY A 109 1.60 11.74 -1.98
N TYR A 110 2.72 12.28 -1.53
CA TYR A 110 3.18 13.57 -2.03
C TYR A 110 4.67 13.73 -1.73
N PRO A 111 5.40 14.51 -2.55
CA PRO A 111 6.81 14.79 -2.24
C PRO A 111 6.94 15.87 -1.16
N GLU A 112 7.65 15.54 -0.10
CA GLU A 112 7.76 16.43 1.07
C GLU A 112 9.14 17.06 1.21
N GLU A 113 9.16 18.33 1.61
CA GLU A 113 10.38 18.98 2.11
C GLU A 113 10.18 19.41 3.57
N ASP A 114 11.17 19.21 4.43
CA ASP A 114 11.04 19.69 5.80
C ASP A 114 11.81 21.01 5.99
N ASP A 115 11.83 21.52 7.22
CA ASP A 115 12.43 22.82 7.52
C ASP A 115 13.93 22.83 7.24
N GLU A 116 14.56 21.67 7.38
CA GLU A 116 16.00 21.55 7.20
C GLU A 116 16.36 21.19 5.76
N GLN A 117 15.41 21.43 4.85
CA GLN A 117 15.57 21.18 3.42
C GLN A 117 15.85 19.71 3.06
N LYS A 118 15.38 18.79 3.88
CA LYS A 118 15.47 17.37 3.54
C LYS A 118 14.21 16.94 2.78
N LEU A 119 14.37 16.00 1.86
CA LEU A 119 13.27 15.58 1.00
C LEU A 119 12.84 14.15 1.32
N TYR A 120 11.54 13.90 1.34
CA TYR A 120 11.00 12.56 1.57
C TYR A 120 9.87 12.23 0.59
N ASN A 121 9.59 10.94 0.49
CA ASN A 121 8.44 10.41 -0.25
C ASN A 121 7.41 10.06 0.82
N SER A 122 6.32 10.80 0.87
CA SER A 122 5.48 10.80 2.06
C SER A 122 4.00 10.59 1.77
N ALA A 123 3.26 10.31 2.85
CA ALA A 123 1.82 10.14 2.80
C ALA A 123 1.23 10.86 4.00
N LEU A 124 0.44 11.90 3.76
CA LEU A 124 -0.18 12.65 4.84
C LEU A 124 -1.60 12.17 5.12
N VAL A 125 -2.02 12.27 6.37
CA VAL A 125 -3.36 11.83 6.79
C VAL A 125 -4.16 13.00 7.39
N VAL A 126 -5.33 13.25 6.84
CA VAL A 126 -6.20 14.32 7.34
C VAL A 126 -7.45 13.71 7.96
N ASN A 127 -7.89 14.23 9.11
CA ASN A 127 -9.06 13.67 9.80
C ASN A 127 -10.35 14.33 9.28
N PRO A 128 -11.53 13.83 9.69
CA PRO A 128 -12.77 14.42 9.17
C PRO A 128 -12.99 15.90 9.53
N GLN A 129 -12.20 16.44 10.45
CA GLN A 129 -12.34 17.84 10.83
C GLN A 129 -11.42 18.72 10.01
N GLY A 130 -10.68 18.11 9.07
CA GLY A 130 -9.73 18.84 8.26
C GLY A 130 -8.40 19.06 8.94
N GLY A 131 -8.15 18.30 10.00
CA GLY A 131 -6.90 18.40 10.73
C GLY A 131 -5.92 17.31 10.32
N GLN A 132 -4.65 17.66 10.23
CA GLN A 132 -3.65 16.65 9.88
C GLN A 132 -3.18 15.91 11.12
N ILE A 133 -3.43 14.60 11.14
CA ILE A 133 -3.13 13.79 12.30
C ILE A 133 -1.86 12.96 12.14
N PHE A 134 -1.38 12.81 10.91
CA PHE A 134 -0.21 11.96 10.70
C PHE A 134 0.48 12.25 9.37
N ASN A 135 1.78 11.97 9.34
CA ASN A 135 2.60 12.10 8.15
C ASN A 135 3.61 10.97 8.13
N TYR A 136 3.47 10.03 7.20
CA TYR A 136 4.36 8.88 7.14
C TYR A 136 5.35 9.06 6.00
N ARG A 137 6.60 8.73 6.24
CA ARG A 137 7.61 8.80 5.19
C ARG A 137 8.05 7.40 4.75
N LYS A 138 8.29 7.25 3.44
CA LYS A 138 8.68 5.96 2.88
C LYS A 138 9.96 5.47 3.55
N THR A 139 9.99 4.18 3.83
CA THR A 139 11.00 3.57 4.67
C THR A 139 12.01 2.76 3.84
N PHE A 140 11.50 2.01 2.87
CA PHE A 140 12.36 1.32 1.91
C PHE A 140 12.31 2.08 0.59
N LEU A 141 13.43 2.61 0.13
CA LEU A 141 13.42 3.43 -1.09
C LEU A 141 13.69 2.60 -2.34
N TYR A 142 13.14 3.08 -3.46
CA TYR A 142 13.35 2.49 -4.77
C TYR A 142 14.46 3.28 -5.47
N ASP A 143 15.02 2.71 -6.54
CA ASP A 143 16.08 3.37 -7.31
C ASP A 143 15.76 4.80 -7.70
N THR A 144 14.52 5.04 -8.12
CA THR A 144 14.09 6.37 -8.54
C THR A 144 14.28 7.44 -7.46
N GLU A 145 14.00 7.09 -6.22
CA GLU A 145 14.15 8.02 -5.10
C GLU A 145 15.58 8.50 -4.95
N MET A 146 16.53 7.63 -5.30
CA MET A 146 17.94 7.97 -5.19
C MET A 146 18.35 9.03 -6.22
N ASN A 147 17.59 9.16 -7.30
CA ASN A 147 17.86 10.23 -8.28
C ASN A 147 17.73 11.63 -7.69
N TRP A 148 16.85 11.81 -6.70
CA TRP A 148 16.56 13.16 -6.24
C TRP A 148 16.82 13.40 -4.77
N ASP A 149 17.67 12.58 -4.17
CA ASP A 149 18.17 12.77 -2.80
C ASP A 149 17.13 12.50 -1.72
N CYS A 150 16.17 11.61 -2.04
CA CYS A 150 15.16 11.21 -1.06
C CYS A 150 15.81 10.51 0.14
N GLU A 151 15.28 10.80 1.33
CA GLU A 151 15.74 10.21 2.58
C GLU A 151 14.90 9.00 3.00
N GLU A 152 15.50 8.04 3.69
CA GLU A 152 14.73 7.00 4.36
C GLU A 152 14.05 7.57 5.60
N ASN A 153 12.85 7.06 5.92
CA ASN A 153 12.17 7.42 7.15
C ASN A 153 13.03 7.04 8.36
N PRO A 154 13.47 8.03 9.16
CA PRO A 154 14.34 7.72 10.30
C PRO A 154 13.60 6.97 11.42
N GLU A 155 12.27 6.94 11.38
CA GLU A 155 11.52 6.19 12.38
C GLU A 155 11.26 4.76 11.96
N GLY A 156 11.65 4.40 10.72
CA GLY A 156 11.29 3.11 10.19
C GLY A 156 9.78 2.98 10.04
N PHE A 157 9.28 1.75 9.99
CA PHE A 157 7.84 1.53 9.85
C PHE A 157 7.13 2.09 11.09
N GLN A 158 5.91 2.58 10.92
CA GLN A 158 5.19 3.23 12.01
C GLN A 158 3.73 2.85 12.03
N THR A 159 3.13 2.86 13.22
CA THR A 159 1.69 2.69 13.36
C THR A 159 1.08 3.96 13.97
N PHE A 160 -0.23 4.12 13.81
CA PHE A 160 -0.93 5.28 14.35
C PHE A 160 -2.41 4.96 14.54
N PRO A 161 -3.05 5.61 15.53
CA PRO A 161 -4.48 5.41 15.77
C PRO A 161 -5.36 6.20 14.81
N MET A 162 -6.46 5.59 14.39
CA MET A 162 -7.48 6.30 13.63
C MET A 162 -8.84 6.17 14.32
N ASP A 163 -9.39 7.29 14.79
CA ASP A 163 -10.69 7.30 15.48
C ASP A 163 -11.84 7.29 14.50
N PHE A 164 -12.59 6.19 14.45
CA PHE A 164 -13.71 6.11 13.54
C PHE A 164 -15.02 6.26 14.32
N SER A 165 -15.88 7.14 13.85
CA SER A 165 -17.17 7.41 14.49
C SER A 165 -18.28 6.58 13.88
N LYS A 166 -19.08 5.96 14.74
CA LYS A 166 -20.27 5.23 14.31
C LYS A 166 -19.95 4.13 13.31
N CYS A 167 -18.96 3.31 13.63
CA CYS A 167 -18.48 2.30 12.70
C CYS A 167 -18.45 0.90 13.31
N ALA A 168 -18.93 0.78 14.55
CA ALA A 168 -18.74 -0.44 15.32
C ALA A 168 -19.96 -0.84 16.15
N LYS A 169 -20.04 -2.12 16.49
CA LYS A 169 -21.13 -2.66 17.31
C LYS A 169 -20.69 -3.93 18.04
N LEU A 170 -21.36 -4.25 19.14
CA LEU A 170 -21.22 -5.56 19.75
C LEU A 170 -21.94 -6.56 18.86
N SER A 171 -21.59 -7.83 18.95
CA SER A 171 -22.05 -8.81 17.98
C SER A 171 -23.55 -9.08 18.01
N ASN A 172 -24.21 -8.75 19.11
CA ASN A 172 -25.66 -8.98 19.21
C ASN A 172 -26.48 -7.75 18.84
N GLU A 173 -25.80 -6.63 18.60
CA GLU A 173 -26.47 -5.37 18.26
C GLU A 173 -26.80 -5.31 16.76
N ASP A 174 -27.80 -4.48 16.41
CA ASP A 174 -28.37 -4.48 15.07
C ASP A 174 -27.99 -3.27 14.21
N SER A 175 -27.23 -2.35 14.78
CA SER A 175 -26.70 -1.23 14.00
C SER A 175 -25.27 -0.86 14.44
N TYR A 176 -24.51 -0.28 13.53
CA TYR A 176 -23.15 0.15 13.84
C TYR A 176 -23.16 1.54 14.43
N ASN A 177 -23.37 1.62 15.74
CA ASN A 177 -23.58 2.88 16.42
C ASN A 177 -22.50 3.19 17.45
N ARG A 178 -21.47 2.34 17.52
CA ARG A 178 -20.35 2.60 18.43
C ARG A 178 -19.14 3.15 17.68
N ASP A 179 -18.26 3.83 18.41
CA ASP A 179 -17.01 4.33 17.86
C ASP A 179 -15.90 3.30 18.05
N VAL A 180 -14.87 3.39 17.23
CA VAL A 180 -13.74 2.49 17.40
C VAL A 180 -12.46 3.19 16.99
N THR A 181 -11.38 2.95 17.73
CA THR A 181 -10.07 3.44 17.35
C THR A 181 -9.27 2.28 16.80
N LEU A 182 -9.04 2.29 15.48
CA LEU A 182 -8.29 1.22 14.83
C LEU A 182 -6.80 1.55 14.79
N LYS A 183 -5.98 0.52 14.96
CA LYS A 183 -4.53 0.66 14.81
C LYS A 183 -4.19 0.52 13.33
N ALA A 184 -3.61 1.58 12.76
CA ALA A 184 -3.36 1.60 11.33
C ALA A 184 -1.87 1.67 11.04
N SER A 185 -1.49 1.29 9.82
CA SER A 185 -0.12 1.47 9.38
C SER A 185 -0.11 1.82 7.90
N ILE A 186 0.76 2.73 7.50
CA ILE A 186 0.92 3.05 6.09
C ILE A 186 2.22 2.41 5.58
N GLY A 187 2.15 1.74 4.44
CA GLY A 187 3.34 1.28 3.75
C GLY A 187 3.33 1.78 2.32
N ILE A 188 4.38 2.50 1.93
CA ILE A 188 4.45 3.07 0.58
C ILE A 188 5.27 2.14 -0.34
N SER A 189 4.61 1.66 -1.41
CA SER A 189 5.13 0.68 -2.41
C SER A 189 6.33 -0.19 -2.00
N MET A 190 7.55 0.28 -2.27
CA MET A 190 8.76 -0.48 -1.94
C MET A 190 8.87 -0.97 -0.48
N ASP A 191 8.16 -0.32 0.46
CA ASP A 191 8.11 -0.79 1.84
C ASP A 191 7.74 -2.28 1.90
N LEU A 192 6.97 -2.73 0.92
CA LEU A 192 6.52 -4.12 0.88
C LEU A 192 7.56 -5.14 0.41
N SER A 193 8.64 -4.64 -0.19
CA SER A 193 9.66 -5.45 -0.82
C SER A 193 10.76 -5.81 0.17
N PRO A 194 11.56 -6.85 -0.15
CA PRO A 194 12.78 -7.05 0.63
C PRO A 194 13.63 -5.79 0.52
N TYR A 195 14.25 -5.37 1.63
CA TYR A 195 15.10 -4.19 1.67
C TYR A 195 16.10 -4.14 0.53
N LYS A 196 16.05 -3.05 -0.23
CA LYS A 196 16.89 -2.81 -1.40
C LYS A 196 16.88 -3.92 -2.46
N PHE A 197 15.87 -4.79 -2.40
CA PHE A 197 15.81 -6.00 -3.24
C PHE A 197 16.99 -6.94 -2.97
N MET A 198 17.67 -6.77 -1.84
CA MET A 198 18.87 -7.55 -1.53
C MET A 198 18.66 -8.46 -0.32
N ALA A 199 17.84 -8.01 0.63
CA ALA A 199 17.52 -8.81 1.82
C ALA A 199 16.83 -10.12 1.42
N PRO A 200 16.87 -11.12 2.32
CA PRO A 200 16.18 -12.38 2.03
C PRO A 200 14.67 -12.17 1.80
N PHE A 201 14.12 -12.85 0.81
CA PHE A 201 12.70 -12.74 0.47
C PHE A 201 11.82 -13.05 1.66
N ASN A 202 12.20 -14.03 2.48
CA ASN A 202 11.28 -14.46 3.52
C ASN A 202 11.37 -13.65 4.81
N HIS A 203 12.08 -12.53 4.78
CA HIS A 203 12.02 -11.61 5.90
C HIS A 203 10.65 -10.92 5.99
N PHE A 204 9.99 -10.70 4.86
CA PHE A 204 8.70 -10.00 4.81
C PHE A 204 8.66 -8.88 5.81
N GLU A 205 9.57 -7.92 5.68
CA GLU A 205 9.76 -6.93 6.74
C GLU A 205 8.49 -6.14 7.10
N PHE A 206 7.81 -5.57 6.09
CA PHE A 206 6.66 -4.72 6.39
C PHE A 206 5.49 -5.52 6.96
N SER A 207 5.15 -6.63 6.31
CA SER A 207 3.99 -7.38 6.78
C SER A 207 4.27 -8.04 8.12
N SER A 208 5.53 -8.38 8.38
CA SER A 208 5.91 -8.89 9.70
C SER A 208 5.73 -7.82 10.76
N PHE A 209 6.14 -6.59 10.45
CA PHE A 209 5.93 -5.45 11.33
C PHE A 209 4.44 -5.23 11.67
N CYS A 210 3.59 -5.35 10.67
CA CYS A 210 2.16 -5.15 10.89
C CYS A 210 1.59 -6.23 11.81
N VAL A 211 1.97 -7.49 11.56
CA VAL A 211 1.53 -8.59 12.43
C VAL A 211 2.10 -8.44 13.84
N ASP A 212 3.40 -8.13 13.93
CA ASP A 212 4.06 -7.92 15.23
C ASP A 212 3.32 -6.90 16.07
N ASN A 213 2.89 -5.81 15.43
CA ASN A 213 2.27 -4.71 16.15
C ASN A 213 0.75 -4.75 16.16
N ASN A 214 0.18 -5.89 15.77
CA ASN A 214 -1.26 -6.09 15.76
C ASN A 214 -2.01 -5.00 15.01
N VAL A 215 -1.51 -4.65 13.83
CA VAL A 215 -2.14 -3.65 12.98
C VAL A 215 -3.45 -4.21 12.41
N GLU A 216 -4.47 -3.37 12.34
CA GLU A 216 -5.79 -3.80 11.88
C GLU A 216 -6.13 -3.22 10.49
N LEU A 217 -5.61 -2.02 10.21
CA LEU A 217 -5.89 -1.37 8.94
C LEU A 217 -4.56 -1.03 8.27
N ILE A 218 -4.25 -1.73 7.17
CA ILE A 218 -3.03 -1.50 6.40
C ILE A 218 -3.34 -0.67 5.15
N LEU A 219 -2.69 0.50 5.04
CA LEU A 219 -2.95 1.43 3.94
C LEU A 219 -1.71 1.58 3.07
N CYS A 220 -1.84 1.29 1.78
CA CYS A 220 -0.67 1.32 0.90
C CYS A 220 -0.84 2.17 -0.35
N PRO A 221 -0.47 3.44 -0.29
CA PRO A 221 -0.28 4.26 -1.48
C PRO A 221 0.89 3.68 -2.28
N MET A 222 0.73 3.42 -3.57
CA MET A 222 1.83 2.81 -4.35
C MET A 222 2.02 3.41 -5.74
N ALA A 223 3.24 3.29 -6.26
CA ALA A 223 3.51 3.50 -7.68
C ALA A 223 4.31 2.29 -8.13
N TRP A 224 3.61 1.17 -8.25
CA TRP A 224 4.21 -0.14 -8.42
C TRP A 224 4.17 -0.59 -9.87
N LEU A 225 5.27 -1.15 -10.35
CA LEU A 225 5.45 -1.45 -11.78
C LEU A 225 4.82 -2.74 -12.26
N ASN A 226 4.25 -2.68 -13.46
CA ASN A 226 3.97 -3.86 -14.27
C ASN A 226 5.30 -4.37 -14.85
N SER A 227 5.47 -5.70 -14.95
CA SER A 227 6.79 -6.22 -15.26
C SER A 227 7.16 -6.11 -16.74
N THR A 228 6.27 -5.55 -17.56
CA THR A 228 6.64 -5.14 -18.93
C THR A 228 7.61 -3.96 -18.92
N SER A 229 7.71 -3.26 -17.79
CA SER A 229 8.61 -2.11 -17.65
C SER A 229 10.05 -2.48 -17.93
N ILE A 230 10.82 -1.52 -18.41
CA ILE A 230 12.25 -1.72 -18.60
C ILE A 230 13.00 -1.46 -17.30
N THR A 231 13.54 -2.51 -16.70
CA THR A 231 14.25 -2.32 -15.42
C THR A 231 15.69 -2.86 -15.46
N ASP A 232 16.03 -3.64 -16.48
CA ASP A 232 17.35 -4.25 -16.59
C ASP A 232 18.43 -3.18 -16.69
N LYS A 233 19.38 -3.20 -15.75
CA LYS A 233 20.34 -2.10 -15.62
C LYS A 233 21.24 -1.95 -16.85
N GLN A 234 21.65 -3.06 -17.45
CA GLN A 234 22.55 -2.97 -18.61
C GLN A 234 21.79 -2.38 -19.80
N THR A 235 20.50 -2.66 -19.86
CA THR A 235 19.66 -2.09 -20.91
C THR A 235 19.49 -0.58 -20.75
N LEU A 236 19.27 -0.16 -19.51
CA LEU A 236 19.07 1.25 -19.22
C LEU A 236 20.32 2.09 -19.49
N HIS A 237 21.49 1.48 -19.44
CA HIS A 237 22.74 2.25 -19.58
C HIS A 237 23.51 1.94 -20.86
N ASN A 238 22.81 1.32 -21.81
CA ASN A 238 23.33 1.11 -23.16
C ASN A 238 22.32 1.71 -24.12
N ASN A 239 22.67 2.84 -24.74
CA ASN A 239 21.68 3.60 -25.48
C ASN A 239 21.07 2.86 -26.65
N SER A 240 21.83 1.95 -27.25
CA SER A 240 21.32 1.11 -28.33
C SER A 240 20.27 0.09 -27.85
N LEU A 241 20.57 -0.59 -26.74
CA LEU A 241 19.62 -1.51 -26.13
C LEU A 241 18.38 -0.77 -25.60
N LEU A 242 18.58 0.42 -25.08
CA LEU A 242 17.49 1.21 -24.52
C LEU A 242 16.52 1.66 -25.60
N GLU A 243 17.06 2.13 -26.73
CA GLU A 243 16.21 2.56 -27.85
C GLU A 243 15.36 1.40 -28.35
N ALA A 244 15.96 0.21 -28.45
CA ALA A 244 15.23 -0.98 -28.86
C ALA A 244 14.14 -1.34 -27.85
N ALA A 245 14.47 -1.25 -26.57
CA ALA A 245 13.51 -1.61 -25.54
C ALA A 245 12.36 -0.60 -25.51
N LYS A 246 12.68 0.67 -25.74
CA LYS A 246 11.66 1.72 -25.73
C LYS A 246 10.68 1.52 -26.89
N ASN A 247 11.17 1.07 -28.05
CA ASN A 247 10.29 0.74 -29.17
C ASN A 247 9.30 -0.38 -28.85
N LYS A 248 9.72 -1.36 -28.05
CA LYS A 248 8.83 -2.45 -27.65
C LYS A 248 7.65 -1.96 -26.83
N ILE A 249 7.93 -1.05 -25.90
CA ILE A 249 6.86 -0.50 -25.06
C ILE A 249 5.94 0.39 -25.90
N ALA A 250 6.52 1.18 -26.79
CA ALA A 250 5.72 2.04 -27.66
C ALA A 250 4.71 1.23 -28.47
N PHE A 251 5.16 0.10 -29.01
CA PHE A 251 4.26 -0.76 -29.77
C PHE A 251 3.16 -1.34 -28.92
N ALA A 252 3.49 -1.74 -27.70
CA ALA A 252 2.52 -2.34 -26.79
C ALA A 252 1.40 -1.36 -26.43
N LEU A 253 1.76 -0.09 -26.25
CA LEU A 253 0.76 0.95 -25.97
C LEU A 253 -0.02 1.27 -27.24
N LYS A 254 0.67 1.40 -28.37
CA LYS A 254 -0.03 1.75 -29.61
C LYS A 254 -1.04 0.67 -29.96
N GLU A 255 -0.65 -0.58 -29.77
CA GLU A 255 -1.50 -1.73 -30.06
C GLU A 255 -2.78 -1.71 -29.22
N GLN A 256 -2.71 -1.13 -28.03
CA GLN A 256 -3.88 -1.02 -27.14
C GLN A 256 -4.69 0.25 -27.39
N GLY A 257 -4.34 1.02 -28.43
CA GLY A 257 -5.03 2.28 -28.70
C GLY A 257 -4.82 3.29 -27.60
N LEU A 258 -3.62 3.31 -27.03
CA LEU A 258 -3.30 4.25 -25.97
C LEU A 258 -2.19 5.21 -26.35
N PRO A 259 -2.26 6.46 -25.89
CA PRO A 259 -1.08 7.34 -26.00
C PRO A 259 0.04 6.80 -25.11
N LEU A 260 1.27 7.21 -25.38
CA LEU A 260 2.41 6.58 -24.69
C LEU A 260 2.32 6.72 -23.17
N ALA A 261 1.76 7.84 -22.69
CA ALA A 261 1.63 8.09 -21.24
C ALA A 261 0.53 7.24 -20.57
N GLY A 262 -0.26 6.53 -21.38
CA GLY A 262 -1.33 5.73 -20.85
C GLY A 262 -2.62 6.52 -20.75
N SER A 263 -3.65 5.90 -20.19
CA SER A 263 -4.98 6.48 -20.18
C SER A 263 -5.21 7.51 -19.06
N GLN A 264 -5.88 8.60 -19.43
CA GLN A 264 -6.29 9.63 -18.46
C GLN A 264 -7.72 10.08 -18.76
N GLY A 265 -8.49 10.33 -17.71
CA GLY A 265 -9.76 11.02 -17.88
C GLY A 265 -10.95 10.17 -18.30
N ILE A 266 -10.71 8.88 -18.44
CA ILE A 266 -11.78 7.93 -18.74
C ILE A 266 -11.87 7.01 -17.53
N TYR A 267 -12.93 7.17 -16.74
CA TYR A 267 -12.96 6.62 -15.38
C TYR A 267 -13.71 5.32 -15.24
N GLN A 268 -13.04 4.33 -14.66
CA GLN A 268 -13.66 3.08 -14.27
C GLN A 268 -14.17 3.20 -12.85
N LEU A 269 -15.48 3.07 -12.66
CA LEU A 269 -16.07 3.27 -11.35
C LEU A 269 -16.73 1.99 -10.85
N LYS A 270 -16.32 1.54 -9.68
CA LYS A 270 -16.89 0.37 -9.04
C LYS A 270 -17.36 0.80 -7.66
N ILE A 271 -18.50 1.47 -7.61
CA ILE A 271 -18.88 2.19 -6.42
C ILE A 271 -20.01 1.49 -5.66
N GLY A 272 -19.64 0.78 -4.60
CA GLY A 272 -20.64 0.15 -3.77
C GLY A 272 -21.18 -1.18 -4.25
N ASP A 273 -20.74 -1.66 -5.42
CA ASP A 273 -21.07 -3.01 -5.81
C ASP A 273 -20.36 -4.00 -4.89
N SER A 274 -20.62 -5.29 -5.06
CA SER A 274 -19.94 -6.32 -4.28
C SER A 274 -19.26 -7.34 -5.18
N GLN A 275 -18.93 -6.94 -6.41
CA GLN A 275 -18.22 -7.82 -7.33
C GLN A 275 -16.82 -8.10 -6.80
N ARG A 276 -16.48 -9.38 -6.64
CA ARG A 276 -15.19 -9.80 -6.10
C ARG A 276 -14.24 -10.12 -7.24
N THR A 277 -12.94 -10.05 -6.96
CA THR A 277 -11.94 -10.41 -7.96
C THR A 277 -11.73 -11.91 -7.95
N PRO A 278 -11.80 -12.54 -9.13
CA PRO A 278 -11.62 -13.99 -9.26
C PRO A 278 -10.22 -14.44 -8.86
N ARG A 279 -10.13 -15.52 -8.09
CA ARG A 279 -8.84 -16.06 -7.68
C ARG A 279 -8.17 -16.76 -8.86
N VAL A 280 -6.94 -16.36 -9.15
CA VAL A 280 -6.19 -16.84 -10.31
C VAL A 280 -4.72 -17.02 -9.93
N PRO A 281 -4.10 -18.14 -10.34
CA PRO A 281 -2.65 -18.28 -10.14
C PRO A 281 -1.87 -17.55 -11.23
N SER A 282 -0.65 -17.09 -10.94
CA SER A 282 0.11 -16.32 -11.92
C SER A 282 0.61 -17.22 -13.06
N ASP A 283 0.54 -16.69 -14.29
CA ASP A 283 0.99 -17.42 -15.48
C ASP A 283 1.78 -16.48 -16.40
N ASP A 284 2.25 -17.02 -17.52
CA ASP A 284 3.03 -16.22 -18.48
C ASP A 284 2.15 -15.27 -19.29
N SER A 285 0.87 -15.21 -18.93
CA SER A 285 -0.09 -14.33 -19.59
C SER A 285 -0.54 -13.24 -18.64
N THR A 286 -0.38 -13.49 -17.35
CA THR A 286 -0.96 -12.61 -16.34
C THR A 286 -0.16 -11.32 -16.17
N SER A 287 1.04 -11.24 -16.74
CA SER A 287 1.87 -10.04 -16.62
C SER A 287 1.77 -9.10 -17.82
N GLU A 288 1.05 -9.52 -18.86
CA GLU A 288 0.97 -8.71 -20.08
C GLU A 288 0.16 -7.44 -19.87
N TYR A 289 0.66 -6.33 -20.42
CA TYR A 289 -0.08 -5.08 -20.32
C TYR A 289 -1.14 -5.03 -21.41
N LYS A 290 -2.23 -5.76 -21.18
CA LYS A 290 -3.39 -5.81 -22.05
C LYS A 290 -4.63 -5.81 -21.18
N ASP A 291 -5.80 -5.56 -21.78
CA ASP A 291 -7.10 -5.50 -21.06
C ASP A 291 -7.09 -4.50 -19.89
N MET A 292 -7.19 -3.21 -20.22
CA MET A 292 -6.97 -2.16 -19.24
C MET A 292 -7.98 -2.12 -18.10
N ASP A 293 -9.15 -2.73 -18.29
CA ASP A 293 -10.13 -2.68 -17.22
C ASP A 293 -10.02 -3.91 -16.29
N GLU A 294 -9.08 -4.81 -16.58
CA GLU A 294 -8.81 -5.97 -15.69
C GLU A 294 -7.54 -5.77 -14.87
N PRO A 295 -7.56 -6.20 -13.59
CA PRO A 295 -6.33 -6.12 -12.78
C PRO A 295 -5.16 -6.95 -13.32
N ASP A 296 -3.94 -6.52 -13.00
CA ASP A 296 -2.70 -7.25 -13.27
C ASP A 296 -2.59 -8.34 -12.21
N MET A 297 -2.99 -9.57 -12.51
CA MET A 297 -3.06 -10.60 -11.48
C MET A 297 -1.67 -11.14 -11.10
N SER A 298 -0.68 -10.93 -11.95
CA SER A 298 0.69 -11.25 -11.55
C SER A 298 1.09 -10.39 -10.37
N ASN A 299 0.78 -9.11 -10.42
CA ASN A 299 1.05 -8.25 -9.27
C ASN A 299 0.10 -8.47 -8.11
N VAL A 300 -1.17 -8.74 -8.38
CA VAL A 300 -2.09 -8.99 -7.26
C VAL A 300 -1.59 -10.21 -6.47
N ASN A 301 -1.20 -11.26 -7.18
CA ASN A 301 -0.69 -12.45 -6.50
C ASN A 301 0.61 -12.17 -5.74
N TYR A 302 1.47 -11.31 -6.31
CA TYR A 302 2.72 -10.97 -5.67
C TYR A 302 2.48 -10.13 -4.44
N TRP A 303 1.61 -9.14 -4.53
CA TRP A 303 1.28 -8.35 -3.34
C TRP A 303 0.77 -9.25 -2.20
N ILE A 304 -0.14 -10.17 -2.54
CA ILE A 304 -0.69 -11.08 -1.53
C ILE A 304 0.43 -11.91 -0.88
N LEU A 305 1.33 -12.45 -1.71
CA LEU A 305 2.49 -13.20 -1.21
C LEU A 305 3.38 -12.37 -0.25
N ARG A 306 3.56 -11.08 -0.52
CA ARG A 306 4.37 -10.23 0.37
C ARG A 306 3.69 -9.99 1.72
N PHE A 307 2.42 -10.40 1.85
CA PHE A 307 1.72 -10.39 3.14
C PHE A 307 1.60 -11.80 3.72
N PHE A 308 2.53 -12.67 3.35
CA PHE A 308 2.57 -14.07 3.83
C PHE A 308 2.27 -14.28 5.35
N PRO A 309 2.81 -13.44 6.26
CA PRO A 309 2.48 -13.62 7.68
C PRO A 309 0.98 -13.59 8.02
N PHE A 310 0.18 -12.96 7.17
CA PHE A 310 -1.27 -12.88 7.36
C PHE A 310 -2.01 -14.04 6.70
N LEU A 311 -1.29 -14.87 5.97
CA LEU A 311 -1.89 -15.98 5.24
C LEU A 311 -1.77 -17.31 5.99
N TYR A 312 -2.82 -18.11 5.91
CA TYR A 312 -2.77 -19.47 6.46
C TYR A 312 -1.74 -20.31 5.70
N PHE A 313 -0.98 -21.11 6.45
CA PHE A 313 0.04 -21.94 5.84
C PHE A 313 0.24 -23.17 6.72
N LYS A 314 0.03 -24.35 6.14
CA LYS A 314 -0.03 -25.60 6.91
C LYS A 314 1.27 -25.92 7.66
N LEU A 315 2.42 -25.60 7.07
CA LEU A 315 3.71 -25.98 7.63
C LEU A 315 4.03 -25.31 8.97
N ARG A 316 3.35 -24.21 9.30
CA ARG A 316 3.66 -23.49 10.54
C ARG A 316 3.54 -24.37 11.80
N ILE A 317 2.69 -25.38 11.75
CA ILE A 317 2.53 -26.27 12.90
C ILE A 317 3.84 -27.05 13.15
N ASN A 318 4.48 -27.52 12.08
CA ASN A 318 5.78 -28.18 12.19
C ASN A 318 6.89 -27.24 12.63
N TRP A 319 6.88 -26.02 12.11
CA TRP A 319 7.85 -25.02 12.51
C TRP A 319 7.76 -24.75 14.01
N PHE A 320 6.53 -24.71 14.51
CA PHE A 320 6.31 -24.36 15.91
C PHE A 320 6.67 -25.52 16.81
N LYS A 321 6.26 -26.72 16.40
CA LYS A 321 6.48 -27.94 17.18
C LYS A 321 7.96 -28.23 17.33
N ASN A 322 8.72 -28.00 16.26
CA ASN A 322 10.15 -28.28 16.27
C ASN A 322 10.98 -27.09 16.72
N SER A 323 10.31 -26.00 17.05
CA SER A 323 10.94 -24.74 17.45
C SER A 323 12.01 -24.28 16.45
N SER A 324 11.73 -24.51 15.16
CA SER A 324 12.68 -24.24 14.09
C SER A 324 12.96 -22.77 13.88
N LEU A 325 12.08 -21.90 14.38
CA LEU A 325 12.21 -20.46 14.10
C LEU A 325 12.57 -19.62 15.31
N ILE A 326 12.76 -20.25 16.47
CA ILE A 326 13.01 -19.50 17.69
C ILE A 326 14.21 -18.57 17.55
N GLU A 327 15.28 -19.05 16.94
CA GLU A 327 16.48 -18.24 16.77
C GLU A 327 16.27 -17.06 15.81
N SER A 328 15.52 -17.32 14.73
CA SER A 328 15.12 -16.25 13.80
C SER A 328 14.26 -15.21 14.49
N ILE A 329 13.33 -15.68 15.33
CA ILE A 329 12.45 -14.77 16.04
C ILE A 329 13.23 -13.92 17.05
N LEU A 330 14.06 -14.57 17.86
CA LEU A 330 14.85 -13.87 18.85
C LEU A 330 15.88 -12.95 18.21
N GLY A 331 16.51 -13.42 17.14
CA GLY A 331 17.56 -12.65 16.48
C GLY A 331 17.11 -11.48 15.63
N LYS A 332 15.84 -11.47 15.23
CA LYS A 332 15.35 -10.41 14.36
C LYS A 332 15.40 -9.03 15.02
N THR A 333 15.91 -8.04 14.28
CA THR A 333 15.95 -6.66 14.76
C THR A 333 14.75 -5.89 14.22
N ARG A 334 14.53 -4.68 14.73
CA ARG A 334 13.35 -3.93 14.32
C ARG A 334 13.44 -3.48 12.86
N MET A 335 14.61 -2.98 12.45
CA MET A 335 14.85 -2.59 11.07
C MET A 335 16.15 -3.25 10.59
N PRO A 336 16.42 -3.24 9.27
CA PRO A 336 17.75 -3.70 8.83
C PRO A 336 18.85 -2.88 9.50
N LEU A 337 19.95 -3.51 9.90
CA LEU A 337 20.99 -2.81 10.67
C LEU A 337 21.60 -1.61 9.94
N ASP A 338 21.60 -1.63 8.62
CA ASP A 338 22.17 -0.52 7.86
C ASP A 338 21.15 0.56 7.51
N HIS A 339 19.95 0.46 8.09
CA HIS A 339 18.89 1.40 7.78
C HIS A 339 19.08 2.71 8.53
N GLU A 340 18.58 3.79 7.94
CA GLU A 340 18.51 5.12 8.56
C GLU A 340 18.02 5.12 10.02
N TYR A 341 17.16 4.16 10.34
CA TYR A 341 16.62 3.99 11.69
C TYR A 341 17.71 4.01 12.79
N TYR A 342 18.84 3.37 12.51
CA TYR A 342 19.90 3.23 13.52
C TYR A 342 21.02 4.25 13.37
N LYS A 343 20.89 5.15 12.40
CA LYS A 343 21.92 6.16 12.17
C LYS A 343 21.82 7.30 13.18
N ASP A 344 20.76 7.27 13.98
CA ASP A 344 20.61 8.19 15.11
C ASP A 344 19.45 7.77 16.01
N GLY A 345 19.72 7.72 17.32
CA GLY A 345 18.66 7.54 18.31
C GLY A 345 18.42 6.12 18.76
N LYS A 346 18.08 5.25 17.82
CA LYS A 346 17.71 3.88 18.17
C LYS A 346 18.95 2.99 18.24
N HIS A 347 18.87 1.96 19.07
CA HIS A 347 19.97 1.01 19.23
C HIS A 347 19.49 -0.26 19.93
N ASP A 353 21.44 -10.94 23.14
CA ASP A 353 21.10 -12.36 23.10
C ASP A 353 20.34 -12.73 24.35
N LEU A 354 19.01 -12.72 24.25
CA LEU A 354 18.15 -12.97 25.40
C LEU A 354 18.49 -14.30 26.04
N LEU A 355 18.79 -15.31 25.23
CA LEU A 355 19.10 -16.64 25.76
C LEU A 355 20.34 -16.65 26.65
N ASP A 356 21.30 -15.79 26.34
CA ASP A 356 22.53 -15.71 27.14
C ASP A 356 22.50 -14.49 28.07
N SER A 357 21.41 -14.34 28.81
CA SER A 357 21.22 -13.17 29.66
C SER A 357 20.35 -13.49 30.87
N GLU A 358 20.36 -12.61 31.86
CA GLU A 358 19.44 -12.72 32.98
C GLU A 358 18.28 -11.72 32.83
N GLU A 359 18.24 -11.03 31.70
CA GLU A 359 17.11 -10.14 31.39
C GLU A 359 15.87 -11.00 31.10
N VAL A 360 14.72 -10.54 31.56
CA VAL A 360 13.51 -11.32 31.38
C VAL A 360 12.99 -11.18 29.95
N ILE A 361 12.09 -12.07 29.56
CA ILE A 361 11.43 -11.97 28.27
C ILE A 361 10.22 -11.04 28.34
N LYS A 362 10.32 -9.89 27.67
CA LYS A 362 9.26 -8.89 27.69
C LYS A 362 8.11 -9.25 26.74
N ASP A 363 6.94 -8.68 27.01
CA ASP A 363 5.76 -8.84 26.16
C ASP A 363 6.06 -8.62 24.66
N THR A 364 6.85 -7.59 24.36
CA THR A 364 7.18 -7.25 22.95
C THR A 364 7.90 -8.37 22.23
N VAL A 365 8.71 -9.12 22.96
CA VAL A 365 9.43 -10.25 22.37
C VAL A 365 8.46 -11.40 22.06
N LEU A 366 7.47 -11.58 22.92
CA LEU A 366 6.43 -12.58 22.67
C LEU A 366 5.45 -12.19 21.55
N GLU A 367 5.48 -10.93 21.13
CA GLU A 367 4.65 -10.45 20.01
C GLU A 367 5.37 -10.60 18.66
N LYS A 368 6.69 -10.79 18.70
CA LYS A 368 7.51 -10.87 17.49
C LYS A 368 7.20 -12.10 16.66
N THR A 369 7.30 -11.96 15.33
CA THR A 369 7.08 -13.09 14.43
C THR A 369 8.18 -13.23 13.39
N PHE A 370 8.31 -14.44 12.87
CA PHE A 370 9.09 -14.72 11.69
C PHE A 370 8.30 -15.73 10.88
N LEU A 371 8.09 -15.43 9.60
CA LEU A 371 7.28 -16.27 8.73
C LEU A 371 5.89 -16.46 9.34
N GLY A 372 5.45 -15.48 10.11
CA GLY A 372 4.10 -15.52 10.71
C GLY A 372 4.00 -16.34 11.98
N THR A 373 5.12 -16.92 12.42
CA THR A 373 5.14 -17.76 13.64
C THR A 373 5.69 -16.95 14.82
N SER A 374 5.12 -17.13 16.01
CA SER A 374 5.66 -16.46 17.18
C SER A 374 6.23 -17.50 18.16
N LEU A 375 6.82 -17.05 19.25
CA LEU A 375 7.33 -18.01 20.23
C LEU A 375 6.17 -18.79 20.89
N GLY A 376 4.99 -18.18 20.97
CA GLY A 376 3.86 -18.79 21.64
C GLY A 376 2.80 -19.48 20.78
N GLN A 377 2.76 -19.16 19.49
CA GLN A 377 1.74 -19.70 18.59
C GLN A 377 2.30 -20.07 17.25
N PRO A 378 1.81 -21.16 16.64
CA PRO A 378 2.27 -21.49 15.29
C PRO A 378 1.98 -20.37 14.30
N TRP A 379 0.81 -19.74 14.44
CA TRP A 379 0.41 -18.68 13.51
C TRP A 379 -0.20 -17.53 14.32
N LYS A 380 0.58 -16.47 14.52
CA LYS A 380 0.16 -15.41 15.43
C LYS A 380 -1.14 -14.74 14.97
N PHE A 381 -1.32 -14.62 13.66
CA PHE A 381 -2.51 -13.94 13.15
C PHE A 381 -3.80 -14.78 13.23
N GLN A 382 -3.66 -16.08 13.50
CA GLN A 382 -4.81 -16.98 13.51
C GLN A 382 -5.98 -16.43 14.34
N GLY A 383 -7.16 -16.43 13.75
CA GLY A 383 -8.36 -15.93 14.42
C GLY A 383 -8.51 -14.43 14.46
N LYS A 384 -7.63 -13.68 13.80
CA LYS A 384 -7.75 -12.23 13.78
C LYS A 384 -8.27 -11.73 12.43
N ASN A 385 -8.55 -10.44 12.34
CA ASN A 385 -8.92 -9.82 11.05
C ASN A 385 -8.01 -8.65 10.77
N ALA A 386 -7.71 -8.41 9.51
CA ALA A 386 -7.05 -7.17 9.14
C ALA A 386 -7.52 -6.76 7.76
N ILE A 387 -7.55 -5.46 7.50
CA ILE A 387 -7.94 -4.96 6.18
C ILE A 387 -6.75 -4.32 5.46
N LEU A 388 -6.56 -4.68 4.19
CA LEU A 388 -5.48 -4.12 3.36
C LEU A 388 -6.09 -3.28 2.25
N VAL A 389 -5.69 -2.01 2.17
CA VAL A 389 -6.17 -1.12 1.13
C VAL A 389 -4.97 -0.67 0.27
N LEU A 390 -5.00 -1.01 -1.01
CA LEU A 390 -3.87 -0.75 -1.92
C LEU A 390 -4.30 0.23 -3.01
N ALA A 391 -3.75 1.43 -2.97
CA ALA A 391 -4.03 2.44 -3.98
C ALA A 391 -2.80 2.59 -4.87
N ASN A 392 -2.84 1.94 -6.03
CA ASN A 392 -1.73 1.98 -6.97
C ASN A 392 -2.05 2.86 -8.19
N ARG A 393 -1.11 3.71 -8.60
CA ARG A 393 -1.34 4.54 -9.77
C ARG A 393 -1.33 3.70 -11.04
N CYS A 394 -1.81 4.29 -12.13
CA CYS A 394 -1.76 3.63 -13.44
C CYS A 394 -0.99 4.52 -14.41
N GLY A 395 -0.94 4.13 -15.68
CA GLY A 395 -0.24 4.92 -16.69
C GLY A 395 1.24 4.58 -16.87
N THR A 396 1.96 5.45 -17.59
CA THR A 396 3.32 5.20 -18.02
C THR A 396 4.18 6.47 -17.90
N GLU A 397 5.48 6.31 -17.67
CA GLU A 397 6.43 7.44 -17.65
C GLU A 397 7.74 7.11 -18.36
N ASP A 398 8.35 8.14 -18.95
CA ASP A 398 9.68 8.05 -19.60
C ASP A 398 9.77 7.11 -20.78
N GLY A 399 8.63 6.58 -21.24
CA GLY A 399 8.62 5.57 -22.28
C GLY A 399 9.21 4.23 -21.86
N THR A 400 9.48 4.08 -20.56
CA THR A 400 10.16 2.90 -20.03
C THR A 400 9.38 2.23 -18.90
N THR A 401 8.52 2.98 -18.23
CA THR A 401 7.99 2.55 -16.94
C THR A 401 6.47 2.47 -16.98
N ILE A 402 5.94 1.25 -16.83
CA ILE A 402 4.50 1.04 -16.88
C ILE A 402 3.99 0.68 -15.50
N PHE A 403 3.12 1.52 -14.93
CA PHE A 403 2.58 1.23 -13.60
C PHE A 403 1.44 0.23 -13.70
N ALA A 404 1.27 -0.59 -12.67
CA ALA A 404 0.40 -1.74 -12.73
C ALA A 404 -1.08 -1.45 -12.45
N GLY A 405 -1.40 -0.26 -11.96
CA GLY A 405 -2.76 0.00 -11.50
C GLY A 405 -3.25 -1.09 -10.56
N SER A 406 -4.49 -1.54 -10.77
CA SER A 406 -5.07 -2.69 -10.07
C SER A 406 -5.29 -2.44 -8.58
N SER A 407 -5.62 -1.21 -8.22
CA SER A 407 -5.91 -0.83 -6.84
C SER A 407 -6.99 -1.76 -6.31
N GLY A 408 -6.94 -2.09 -5.03
CA GLY A 408 -7.87 -3.07 -4.50
C GLY A 408 -7.99 -3.06 -3.01
N ILE A 409 -8.98 -3.80 -2.52
CA ILE A 409 -9.24 -3.90 -1.09
C ILE A 409 -9.29 -5.37 -0.76
N TYR A 410 -8.66 -5.74 0.36
CA TYR A 410 -8.48 -7.13 0.73
C TYR A 410 -8.78 -7.30 2.21
N LYS A 411 -9.29 -8.48 2.55
CA LYS A 411 -9.52 -8.83 3.96
C LYS A 411 -8.77 -10.11 4.29
N PHE A 412 -7.92 -10.03 5.32
CA PHE A 412 -7.28 -11.22 5.86
C PHE A 412 -8.17 -11.71 7.00
N ASN A 413 -8.70 -12.91 6.86
CA ASN A 413 -9.76 -13.34 7.78
C ASN A 413 -9.27 -14.23 8.92
N GLY A 414 -7.98 -14.64 8.84
CA GLY A 414 -7.36 -15.43 9.89
C GLY A 414 -7.89 -16.84 10.08
N LYS A 415 -8.53 -17.38 9.05
CA LYS A 415 -9.15 -18.70 9.13
C LYS A 415 -8.25 -19.81 8.64
N LYS A 416 -8.36 -20.98 9.27
CA LYS A 416 -7.54 -22.16 8.92
C LYS A 416 -8.05 -22.96 7.72
N SER A 426 -1.01 -23.61 2.68
CA SER A 426 -1.44 -23.95 1.32
C SER A 426 -0.84 -23.02 0.25
N SER A 427 -1.67 -22.51 -0.65
CA SER A 427 -1.19 -21.72 -1.79
C SER A 427 -0.63 -20.38 -1.36
N LEU A 428 0.36 -19.88 -2.11
CA LEU A 428 0.99 -18.62 -1.78
C LEU A 428 0.53 -17.53 -2.74
N ASP A 429 -0.77 -17.45 -2.98
CA ASP A 429 -1.32 -16.49 -3.92
C ASP A 429 -2.81 -16.26 -3.67
N SER A 430 -3.52 -15.72 -4.66
CA SER A 430 -4.95 -15.42 -4.48
C SER A 430 -5.83 -16.66 -4.32
N LEU A 431 -5.29 -17.84 -4.52
CA LEU A 431 -6.07 -19.07 -4.32
C LEU A 431 -6.23 -19.38 -2.83
N ASN A 432 -5.39 -18.76 -2.00
CA ASN A 432 -5.46 -18.97 -0.56
C ASN A 432 -6.68 -18.32 0.04
N GLU A 433 -7.56 -19.11 0.62
CA GLU A 433 -8.86 -18.60 1.02
C GLU A 433 -8.84 -17.92 2.38
N SER A 434 -7.65 -17.74 2.98
CA SER A 434 -7.56 -16.90 4.16
C SER A 434 -7.41 -15.42 3.78
N VAL A 435 -7.32 -15.14 2.49
CA VAL A 435 -7.45 -13.73 2.07
C VAL A 435 -8.69 -13.64 1.19
N GLU A 436 -9.42 -12.52 1.35
CA GLU A 436 -10.63 -12.26 0.57
C GLU A 436 -10.39 -11.09 -0.37
N LEU A 437 -10.63 -11.30 -1.67
CA LEU A 437 -10.41 -10.24 -2.66
C LEU A 437 -11.70 -9.46 -2.88
N LEU A 438 -11.89 -8.40 -2.11
CA LEU A 438 -13.16 -7.68 -2.07
C LEU A 438 -13.43 -6.83 -3.32
N GLY A 439 -12.41 -6.57 -4.12
CA GLY A 439 -12.61 -5.84 -5.36
C GLY A 439 -11.33 -5.16 -5.83
N ASN A 440 -11.15 -5.09 -7.15
CA ASN A 440 -10.02 -4.39 -7.77
C ASN A 440 -10.45 -3.54 -8.95
N LEU A 441 -9.72 -2.45 -9.20
CA LEU A 441 -9.81 -1.75 -10.47
C LEU A 441 -8.91 -2.42 -11.51
N GLY A 442 -9.01 -1.95 -12.76
CA GLY A 442 -8.16 -2.43 -13.82
C GLY A 442 -6.73 -1.93 -13.73
N LYS A 443 -5.86 -2.49 -14.56
CA LYS A 443 -4.44 -2.15 -14.56
C LYS A 443 -4.14 -0.82 -15.26
N GLY A 444 -5.08 -0.32 -16.06
CA GLY A 444 -4.75 0.80 -16.93
C GLY A 444 -5.67 2.00 -16.97
N LEU A 445 -6.76 1.99 -16.22
CA LEU A 445 -7.68 3.11 -16.27
C LEU A 445 -7.68 3.90 -14.97
N GLU A 446 -7.81 5.21 -15.07
CA GLU A 446 -8.10 6.02 -13.88
C GLU A 446 -9.49 5.64 -13.38
N GLY A 447 -9.74 5.84 -12.10
CA GLY A 447 -11.07 5.56 -11.57
C GLY A 447 -11.16 5.47 -10.06
N ALA A 448 -12.18 4.78 -9.57
CA ALA A 448 -12.42 4.71 -8.15
C ALA A 448 -13.15 3.44 -7.78
N ILE A 449 -12.79 2.87 -6.64
CA ILE A 449 -13.53 1.72 -6.13
C ILE A 449 -13.95 1.96 -4.68
N LEU A 450 -15.22 1.70 -4.40
CA LEU A 450 -15.76 1.81 -3.07
C LEU A 450 -16.30 0.46 -2.62
N ARG A 451 -15.88 0.02 -1.44
CA ARG A 451 -16.39 -1.20 -0.85
C ARG A 451 -16.72 -0.96 0.61
N GLU A 452 -17.84 -1.51 1.06
CA GLU A 452 -18.11 -1.61 2.47
C GLU A 452 -17.36 -2.84 3.00
N VAL A 453 -16.53 -2.66 4.01
CA VAL A 453 -15.72 -3.78 4.49
C VAL A 453 -16.13 -4.10 5.94
N GLN A 454 -16.45 -5.36 6.17
CA GLN A 454 -16.87 -5.80 7.50
C GLN A 454 -15.88 -6.81 8.08
N PHE A 455 -15.49 -6.57 9.33
CA PHE A 455 -14.45 -7.35 10.01
C PHE A 455 -14.59 -7.13 11.51
N GLU A 456 -13.79 -7.85 12.29
CA GLU A 456 -13.87 -7.73 13.73
C GLU A 456 -12.51 -7.42 14.35
N VAL A 457 -12.56 -6.73 15.49
CA VAL A 457 -11.39 -6.45 16.30
C VAL A 457 -11.71 -6.83 17.73
N PHE A 458 -10.70 -6.85 18.59
CA PHE A 458 -10.88 -7.23 19.97
C PHE A 458 -10.37 -6.15 20.89
N ARG A 459 -11.17 -5.80 21.90
CA ARG A 459 -10.87 -4.66 22.75
C ARG A 459 -10.95 -5.01 24.23
#